data_5D5P
#
_entry.id   5D5P
#
_cell.length_a   64.120
_cell.length_b   72.540
_cell.length_c   70.980
_cell.angle_alpha   90.000
_cell.angle_beta   99.090
_cell.angle_gamma   90.000
#
_symmetry.space_group_name_H-M   'P 1 21 1'
#
loop_
_entity.id
_entity.type
_entity.pdbx_description
1 polymer HcgB
2 water water
#
_entity_poly.entity_id   1
_entity_poly.type   'polypeptide(L)'
_entity_poly.pdbx_seq_one_letter_code
;MNIENTIKSAYEESLNNARFGDKIEEIDAIQSTIKSAKNVTVATSNEKKFKVVSDIISRITDANISMLEIPTNSADLTRM
PALNKGLIAVDSSDADLIITRGRLGIPGSGSLLLIMDKKGRILTGSVSPSSIIHKNPIDKTVELELITALERIGIVVKKL
EHHHHHH
;
_entity_poly.pdbx_strand_id   A,B,C,D
#
# COMPACT_ATOMS: atom_id res chain seq x y z
N ASN A 2 -14.74 -11.41 17.25
CA ASN A 2 -13.38 -11.15 16.80
C ASN A 2 -13.41 -10.31 15.52
N ILE A 3 -12.34 -9.57 15.21
CA ILE A 3 -12.40 -8.71 14.03
C ILE A 3 -12.47 -9.47 12.71
N GLU A 4 -11.93 -10.69 12.62
CA GLU A 4 -12.11 -11.46 11.37
C GLU A 4 -13.57 -11.55 10.99
N ASN A 5 -14.38 -11.78 12.01
CA ASN A 5 -15.80 -11.98 11.87
C ASN A 5 -16.49 -10.71 11.47
N THR A 6 -16.17 -9.61 12.17
CA THR A 6 -16.79 -8.33 11.88
C THR A 6 -16.38 -7.88 10.49
N ILE A 7 -15.13 -8.17 10.11
CA ILE A 7 -14.66 -7.81 8.79
C ILE A 7 -15.38 -8.62 7.70
N LYS A 8 -15.47 -9.92 7.89
CA LYS A 8 -16.12 -10.76 6.90
C LYS A 8 -17.58 -10.30 6.72
N SER A 9 -18.28 -10.03 7.81
CA SER A 9 -19.68 -9.60 7.75
CA SER A 9 -19.68 -9.62 7.71
C SER A 9 -19.82 -8.25 7.03
N ALA A 10 -18.91 -7.33 7.35
CA ALA A 10 -18.96 -6.01 6.76
C ALA A 10 -18.66 -6.08 5.27
N TYR A 11 -17.71 -6.92 4.90
CA TYR A 11 -17.33 -7.04 3.49
C TYR A 11 -18.52 -7.54 2.68
N GLU A 12 -19.20 -8.53 3.22
CA GLU A 12 -20.34 -9.13 2.54
C GLU A 12 -21.49 -8.13 2.36
N GLU A 13 -21.69 -7.28 3.34
CA GLU A 13 -22.74 -6.27 3.26
C GLU A 13 -22.39 -5.04 2.37
N SER A 14 -21.11 -4.64 2.28
CA SER A 14 -20.78 -3.49 1.42
C SER A 14 -21.10 -3.79 -0.04
N LEU A 15 -20.90 -5.05 -0.41
CA LEU A 15 -21.14 -5.55 -1.74
C LEU A 15 -22.63 -5.55 -2.04
N ASN A 16 -23.40 -5.69 -0.96
CA ASN A 16 -24.84 -5.68 -1.01
C ASN A 16 -25.29 -4.19 -1.12
N ASN A 17 -24.32 -3.25 -1.12
CA ASN A 17 -24.73 -1.83 -1.09
C ASN A 17 -25.63 -1.49 0.13
N ALA A 18 -25.45 -2.31 1.16
CA ALA A 18 -26.16 -2.19 2.44
C ALA A 18 -25.28 -1.70 3.56
N ARG A 19 -24.11 -1.16 3.23
CA ARG A 19 -23.26 -0.67 4.30
C ARG A 19 -23.73 0.74 4.61
N PHE A 20 -24.56 0.85 5.64
CA PHE A 20 -25.19 2.13 6.00
C PHE A 20 -24.83 2.63 7.39
N GLY A 21 -23.57 2.43 7.76
CA GLY A 21 -23.06 2.92 9.03
C GLY A 21 -22.30 1.82 9.74
N ASP A 22 -21.56 2.20 10.77
CA ASP A 22 -20.89 1.21 11.60
C ASP A 22 -21.84 0.53 12.58
N LYS A 23 -21.35 -0.53 13.19
CA LYS A 23 -22.15 -1.31 14.11
C LYS A 23 -21.46 -1.38 15.46
N ILE A 24 -22.24 -1.50 16.52
CA ILE A 24 -21.64 -1.59 17.84
C ILE A 24 -20.74 -2.83 17.94
N GLU A 25 -21.10 -3.91 17.25
CA GLU A 25 -20.26 -5.12 17.24
C GLU A 25 -18.84 -4.86 16.75
N GLU A 26 -18.69 -3.96 15.79
CA GLU A 26 -17.39 -3.68 15.21
C GLU A 26 -16.52 -2.94 16.22
N ILE A 27 -17.15 -2.01 16.93
CA ILE A 27 -16.45 -1.29 17.99
C ILE A 27 -16.06 -2.24 19.14
N ASP A 28 -17.00 -3.08 19.53
CA ASP A 28 -16.76 -4.05 20.59
C ASP A 28 -15.59 -4.96 20.22
N ALA A 29 -15.51 -5.37 18.96
CA ALA A 29 -14.41 -6.23 18.53
C ALA A 29 -13.05 -5.52 18.60
N ILE A 30 -13.03 -4.26 18.19
CA ILE A 30 -11.80 -3.46 18.28
C ILE A 30 -11.37 -3.32 19.75
N GLN A 31 -12.32 -3.02 20.62
CA GLN A 31 -12.00 -2.86 22.03
C GLN A 31 -11.41 -4.16 22.58
N SER A 32 -12.01 -5.28 22.18
CA SER A 32 -11.60 -6.59 22.67
C SER A 32 -10.18 -6.94 22.25
N THR A 33 -9.85 -6.63 21.00
CA THR A 33 -8.55 -6.88 20.45
C THR A 33 -7.48 -6.11 21.19
N ILE A 34 -7.79 -4.86 21.52
CA ILE A 34 -6.85 -3.99 22.23
C ILE A 34 -6.68 -4.47 23.67
N LYS A 35 -7.80 -4.73 24.35
CA LYS A 35 -7.73 -5.07 25.78
C LYS A 35 -7.16 -6.47 26.01
N SER A 36 -7.28 -7.36 25.04
CA SER A 36 -6.86 -8.75 25.19
CA SER A 36 -6.85 -8.73 25.24
C SER A 36 -5.42 -8.97 24.78
N ALA A 37 -4.78 -7.93 24.24
CA ALA A 37 -3.42 -8.05 23.76
C ALA A 37 -2.48 -8.51 24.86
N LYS A 38 -1.64 -9.50 24.56
CA LYS A 38 -0.69 -10.03 25.54
C LYS A 38 0.72 -9.53 25.33
N ASN A 39 1.01 -9.13 24.09
CA ASN A 39 2.33 -8.63 23.77
C ASN A 39 2.15 -7.43 22.86
N VAL A 40 2.57 -6.28 23.36
CA VAL A 40 2.38 -5.03 22.65
C VAL A 40 3.73 -4.47 22.28
N THR A 41 3.89 -4.10 21.01
CA THR A 41 5.13 -3.49 20.55
C THR A 41 4.89 -2.04 20.22
N VAL A 42 5.74 -1.17 20.73
CA VAL A 42 5.68 0.24 20.37
C VAL A 42 6.81 0.49 19.39
N ALA A 43 6.45 0.99 18.21
CA ALA A 43 7.38 1.11 17.10
C ALA A 43 8.17 2.39 17.25
N THR A 44 9.00 2.46 18.28
CA THR A 44 9.85 3.62 18.52
C THR A 44 11.10 3.18 19.20
N SER A 45 12.17 3.97 19.10
CA SER A 45 13.33 3.70 19.92
C SER A 45 13.60 4.83 20.91
N ASN A 46 12.68 5.79 20.97
CA ASN A 46 12.76 6.89 21.92
C ASN A 46 12.14 6.50 23.27
N GLU A 47 12.95 6.51 24.32
CA GLU A 47 12.53 5.97 25.60
C GLU A 47 11.45 6.86 26.20
N LYS A 48 11.54 8.16 25.95
CA LYS A 48 10.56 9.10 26.47
C LYS A 48 9.18 8.89 25.85
N LYS A 49 9.10 8.72 24.52
CA LYS A 49 7.82 8.40 23.87
C LYS A 49 7.33 7.03 24.33
N PHE A 50 8.25 6.05 24.44
CA PHE A 50 7.85 4.72 24.88
C PHE A 50 7.18 4.76 26.24
N LYS A 51 7.74 5.55 27.15
CA LYS A 51 7.15 5.64 28.48
C LYS A 51 5.74 6.23 28.43
N VAL A 52 5.56 7.29 27.64
CA VAL A 52 4.23 7.88 27.50
C VAL A 52 3.23 6.81 27.03
N VAL A 53 3.59 6.05 26.01
CA VAL A 53 2.66 5.07 25.44
C VAL A 53 2.43 3.92 26.42
N SER A 54 3.51 3.41 26.99
CA SER A 54 3.45 2.25 27.86
C SER A 54 2.60 2.55 29.10
N ASP A 55 2.75 3.74 29.67
CA ASP A 55 1.99 4.07 30.86
C ASP A 55 0.49 4.07 30.58
N ILE A 56 0.08 4.48 29.39
CA ILE A 56 -1.34 4.51 29.06
C ILE A 56 -1.86 3.11 28.77
N ILE A 57 -1.14 2.39 27.92
CA ILE A 57 -1.57 1.07 27.47
C ILE A 57 -1.59 0.08 28.64
N SER A 58 -0.69 0.30 29.61
CA SER A 58 -0.61 -0.59 30.78
C SER A 58 -1.87 -0.55 31.61
N ARG A 59 -2.64 0.52 31.48
CA ARG A 59 -3.85 0.68 32.28
C ARG A 59 -5.04 -0.05 31.67
N ILE A 60 -4.91 -0.48 30.42
CA ILE A 60 -6.04 -1.13 29.77
C ILE A 60 -5.72 -2.53 29.28
N THR A 61 -4.50 -3.00 29.55
CA THR A 61 -4.09 -4.36 29.19
C THR A 61 -3.29 -5.04 30.29
N ASP A 62 -3.26 -6.36 30.22
CA ASP A 62 -2.31 -7.20 30.98
C ASP A 62 -1.25 -7.71 30.04
N ALA A 63 -0.45 -6.80 29.48
CA ALA A 63 0.47 -7.18 28.42
C ALA A 63 1.93 -6.93 28.75
N ASN A 64 2.81 -7.71 28.13
CA ASN A 64 4.22 -7.34 28.06
C ASN A 64 4.29 -6.23 27.04
N ILE A 65 4.83 -5.07 27.38
CA ILE A 65 4.90 -3.95 26.41
C ILE A 65 6.36 -3.70 26.12
N SER A 66 6.73 -3.67 24.84
CA SER A 66 8.15 -3.61 24.48
C SER A 66 8.42 -2.56 23.43
N MET A 67 9.63 -1.98 23.41
CA MET A 67 10.00 -1.13 22.27
C MET A 67 10.42 -2.03 21.13
N LEU A 68 10.28 -1.54 19.92
CA LEU A 68 10.78 -2.24 18.76
C LEU A 68 12.28 -2.08 18.70
N GLU A 69 13.03 -3.18 18.61
CA GLU A 69 14.49 -3.05 18.65
C GLU A 69 15.06 -2.54 17.34
N ILE A 70 14.44 -2.92 16.24
CA ILE A 70 14.82 -2.50 14.89
C ILE A 70 14.57 -1.01 14.65
N PRO A 71 15.61 -0.27 14.26
CA PRO A 71 15.35 1.15 13.93
C PRO A 71 14.38 1.31 12.78
N THR A 72 13.60 2.38 12.81
CA THR A 72 12.49 2.51 11.89
C THR A 72 12.61 3.71 10.94
N ASN A 73 13.72 4.45 10.99
CA ASN A 73 13.82 5.67 10.17
C ASN A 73 13.78 5.39 8.65
N SER A 74 14.03 4.14 8.25
CA SER A 74 13.96 3.81 6.82
C SER A 74 12.55 4.09 6.29
N ALA A 75 11.55 4.01 7.17
CA ALA A 75 10.16 4.23 6.76
C ALA A 75 9.90 5.67 6.30
N ASP A 76 10.83 6.56 6.58
CA ASP A 76 10.66 7.95 6.21
C ASP A 76 10.91 8.15 4.72
N LEU A 77 11.31 7.09 4.01
CA LEU A 77 11.44 7.20 2.57
C LEU A 77 10.26 6.48 1.90
N THR A 78 9.14 6.39 2.59
CA THR A 78 7.93 5.79 2.03
C THR A 78 6.77 6.79 2.05
N ARG A 79 5.71 6.46 1.35
CA ARG A 79 4.58 7.36 1.24
C ARG A 79 3.86 7.54 2.56
N MET A 80 3.85 6.51 3.39
CA MET A 80 3.15 6.57 4.67
C MET A 80 4.04 6.06 5.80
N PRO A 81 4.93 6.96 6.31
CA PRO A 81 5.94 6.47 7.23
C PRO A 81 5.35 5.84 8.50
N ALA A 82 4.38 6.48 9.15
CA ALA A 82 3.80 5.86 10.36
C ALA A 82 3.35 4.43 10.09
N LEU A 83 2.65 4.24 8.97
CA LEU A 83 2.13 2.92 8.64
C LEU A 83 3.28 1.93 8.46
N ASN A 84 4.28 2.33 7.70
CA ASN A 84 5.34 1.39 7.39
C ASN A 84 6.24 1.09 8.59
N LYS A 85 6.32 2.01 9.56
CA LYS A 85 7.03 1.70 10.81
C LYS A 85 6.26 0.59 11.53
N GLY A 86 4.94 0.71 11.52
CA GLY A 86 4.09 -0.30 12.13
C GLY A 86 4.27 -1.65 11.48
N LEU A 87 4.39 -1.68 10.15
CA LEU A 87 4.54 -2.94 9.46
C LEU A 87 5.87 -3.59 9.73
N ILE A 88 6.91 -2.80 10.00
CA ILE A 88 8.17 -3.42 10.41
C ILE A 88 7.96 -4.23 11.68
N ALA A 89 7.20 -3.67 12.63
CA ALA A 89 6.95 -4.39 13.87
C ALA A 89 6.07 -5.61 13.61
N VAL A 90 5.01 -5.43 12.83
CA VAL A 90 4.17 -6.56 12.43
C VAL A 90 4.94 -7.72 11.79
N ASP A 91 5.86 -7.40 10.87
CA ASP A 91 6.47 -8.45 10.06
C ASP A 91 7.68 -9.09 10.70
N SER A 92 8.22 -8.46 11.74
CA SER A 92 9.47 -8.96 12.29
C SER A 92 9.31 -9.48 13.71
N SER A 93 8.10 -9.43 14.26
CA SER A 93 7.87 -9.89 15.64
C SER A 93 6.52 -10.61 15.75
N ASP A 94 6.19 -11.18 16.92
CA ASP A 94 4.83 -11.72 17.03
C ASP A 94 3.98 -10.95 18.04
N ALA A 95 4.08 -9.62 17.98
CA ALA A 95 3.24 -8.74 18.79
C ALA A 95 1.77 -8.94 18.44
N ASP A 96 0.90 -8.83 19.44
CA ASP A 96 -0.57 -8.90 19.28
C ASP A 96 -1.14 -7.54 18.90
N LEU A 97 -0.39 -6.51 19.28
CA LEU A 97 -0.85 -5.14 19.10
C LEU A 97 0.38 -4.28 18.83
N ILE A 98 0.29 -3.39 17.86
CA ILE A 98 1.40 -2.51 17.51
C ILE A 98 0.92 -1.06 17.62
N ILE A 99 1.70 -0.25 18.33
CA ILE A 99 1.40 1.18 18.36
C ILE A 99 2.52 1.89 17.65
N THR A 100 2.18 2.65 16.63
CA THR A 100 3.19 3.30 15.81
C THR A 100 2.89 4.76 15.66
N ARG A 101 3.94 5.56 15.50
CA ARG A 101 3.73 6.97 15.26
C ARG A 101 4.80 7.43 14.31
N GLY A 102 4.46 8.31 13.38
CA GLY A 102 5.44 8.82 12.45
C GLY A 102 4.73 9.79 11.52
N ARG A 103 5.39 10.14 10.43
CA ARG A 103 4.78 11.09 9.50
C ARG A 103 3.53 10.49 8.88
N LEU A 104 2.52 11.34 8.67
CA LEU A 104 1.30 10.92 8.00
C LEU A 104 1.56 10.63 6.51
N GLY A 105 2.21 11.58 5.84
CA GLY A 105 2.42 11.46 4.40
C GLY A 105 3.77 12.09 4.09
N ILE A 106 3.78 13.08 3.21
CA ILE A 106 5.02 13.76 2.80
C ILE A 106 5.59 14.64 3.92
N PRO A 107 6.86 15.08 3.77
CA PRO A 107 7.42 16.03 4.76
C PRO A 107 6.53 17.28 4.94
N GLY A 108 6.21 17.60 6.20
CA GLY A 108 5.35 18.74 6.49
C GLY A 108 3.92 18.32 6.78
N SER A 109 3.57 17.07 6.49
CA SER A 109 2.19 16.61 6.65
C SER A 109 1.83 16.28 8.09
N GLY A 110 2.77 16.48 9.02
CA GLY A 110 2.50 16.23 10.43
C GLY A 110 2.51 14.75 10.79
N SER A 111 1.98 14.43 11.97
CA SER A 111 2.12 13.08 12.52
C SER A 111 0.84 12.30 12.53
N LEU A 112 1.02 10.99 12.40
CA LEU A 112 -0.09 10.03 12.50
C LEU A 112 0.29 8.97 13.52
N LEU A 113 -0.59 8.71 14.48
CA LEU A 113 -0.44 7.54 15.36
C LEU A 113 -1.48 6.50 14.92
N LEU A 114 -1.05 5.23 14.86
CA LEU A 114 -1.95 4.11 14.54
C LEU A 114 -1.84 3.05 15.61
N ILE A 115 -2.97 2.42 15.89
CA ILE A 115 -2.98 1.16 16.62
C ILE A 115 -3.37 0.08 15.62
N MET A 116 -2.46 -0.87 15.43
CA MET A 116 -2.58 -1.94 14.46
C MET A 116 -2.61 -3.31 15.15
N ASP A 117 -3.24 -4.30 14.50
CA ASP A 117 -3.27 -5.61 15.13
C ASP A 117 -2.15 -6.50 14.54
N LYS A 118 -2.18 -7.77 14.87
CA LYS A 118 -1.07 -8.67 14.55
C LYS A 118 -0.87 -8.88 13.07
N LYS A 119 -1.88 -8.56 12.27
CA LYS A 119 -1.78 -8.66 10.79
C LYS A 119 -1.52 -7.34 10.10
N GLY A 120 -1.43 -6.28 10.89
CA GLY A 120 -1.23 -4.95 10.31
C GLY A 120 -2.53 -4.21 10.00
N ARG A 121 -3.67 -4.80 10.40
CA ARG A 121 -4.94 -4.11 10.22
C ARG A 121 -5.06 -2.91 11.13
N ILE A 122 -5.62 -1.82 10.61
CA ILE A 122 -5.65 -0.58 11.36
C ILE A 122 -6.93 -0.47 12.19
N LEU A 123 -6.78 -0.33 13.51
CA LEU A 123 -7.93 -0.34 14.42
C LEU A 123 -8.43 1.06 14.74
N THR A 124 -7.49 1.99 14.90
CA THR A 124 -7.81 3.37 15.24
C THR A 124 -6.55 4.20 15.07
N GLY A 125 -6.65 5.51 15.20
CA GLY A 125 -5.52 6.39 14.94
C GLY A 125 -5.85 7.84 15.27
N SER A 126 -4.87 8.71 15.18
CA SER A 126 -5.11 10.13 15.37
C SER A 126 -4.00 10.91 14.70
N VAL A 127 -4.21 12.20 14.46
CA VAL A 127 -3.17 12.99 13.80
C VAL A 127 -2.83 14.21 14.63
N SER A 128 -1.63 14.76 14.43
CA SER A 128 -1.23 16.00 15.07
C SER A 128 -0.47 16.86 14.07
N PRO A 129 -0.51 18.19 14.26
CA PRO A 129 0.17 19.06 13.29
C PRO A 129 1.69 18.97 13.38
N SER A 130 2.35 19.28 12.28
CA SER A 130 3.79 19.52 12.29
C SER A 130 4.21 20.47 13.42
N SER A 131 5.41 20.29 13.95
CA SER A 131 5.88 21.23 14.96
C SER A 131 6.06 22.64 14.39
N ILE A 132 6.18 22.76 13.07
CA ILE A 132 6.28 24.08 12.44
C ILE A 132 4.99 24.89 12.66
N ILE A 133 3.87 24.18 12.67
CA ILE A 133 2.55 24.78 12.76
C ILE A 133 2.12 24.97 14.22
N HIS A 134 2.37 23.96 15.04
CA HIS A 134 1.95 24.01 16.43
C HIS A 134 3.06 23.52 17.36
N LYS A 135 3.53 24.42 18.21
CA LYS A 135 4.58 24.13 19.18
C LYS A 135 3.97 23.50 20.42
N ASN A 136 4.52 22.37 20.83
CA ASN A 136 3.95 21.59 21.90
C ASN A 136 4.97 20.57 22.35
N PRO A 137 5.06 20.33 23.66
CA PRO A 137 6.04 19.33 24.11
C PRO A 137 5.72 17.99 23.50
N ILE A 138 6.73 17.29 22.99
CA ILE A 138 6.47 16.06 22.25
C ILE A 138 5.74 15.05 23.13
N ASP A 139 5.97 15.06 24.44
CA ASP A 139 5.32 14.07 25.30
C ASP A 139 3.85 14.34 25.42
N LYS A 140 3.50 15.62 25.43
CA LYS A 140 2.09 15.98 25.52
C LYS A 140 1.43 15.71 24.19
N THR A 141 2.17 15.86 23.11
CA THR A 141 1.65 15.53 21.78
C THR A 141 1.34 14.03 21.63
N VAL A 142 2.30 13.18 22.02
CA VAL A 142 2.09 11.73 21.89
C VAL A 142 0.94 11.29 22.82
N GLU A 143 0.91 11.81 24.04
CA GLU A 143 -0.17 11.52 24.97
C GLU A 143 -1.55 11.83 24.37
N LEU A 144 -1.73 13.03 23.83
CA LEU A 144 -3.01 13.41 23.23
C LEU A 144 -3.35 12.50 22.04
N GLU A 145 -2.35 12.16 21.23
CA GLU A 145 -2.59 11.31 20.06
C GLU A 145 -3.17 10.00 20.54
N LEU A 146 -2.56 9.45 21.59
CA LEU A 146 -2.95 8.08 22.00
C LEU A 146 -4.30 8.08 22.68
N ILE A 147 -4.51 9.05 23.56
CA ILE A 147 -5.79 9.18 24.26
C ILE A 147 -6.91 9.40 23.24
N THR A 148 -6.63 10.23 22.24
CA THR A 148 -7.61 10.49 21.18
C THR A 148 -7.94 9.22 20.40
N ALA A 149 -6.90 8.47 20.05
CA ALA A 149 -7.10 7.26 19.23
C ALA A 149 -7.91 6.23 20.03
N LEU A 150 -7.68 6.18 21.33
CA LEU A 150 -8.45 5.23 22.15
C LEU A 150 -9.88 5.72 22.34
N GLU A 151 -10.08 7.00 22.62
CA GLU A 151 -11.42 7.53 22.86
C GLU A 151 -12.37 7.35 21.69
N ARG A 152 -11.82 7.43 20.48
CA ARG A 152 -12.68 7.38 19.30
C ARG A 152 -13.15 5.96 18.99
N ILE A 153 -12.60 4.93 19.65
CA ILE A 153 -13.22 3.60 19.57
C ILE A 153 -13.79 3.15 20.92
N GLY A 154 -13.99 4.12 21.81
CA GLY A 154 -14.78 3.91 23.03
C GLY A 154 -14.00 3.52 24.26
N ILE A 155 -12.68 3.63 24.20
CA ILE A 155 -11.85 3.36 25.37
C ILE A 155 -11.41 4.67 25.99
N VAL A 156 -11.90 4.95 27.20
CA VAL A 156 -11.58 6.16 27.90
C VAL A 156 -10.55 5.94 29.00
N VAL A 157 -9.42 6.63 28.89
CA VAL A 157 -8.37 6.60 29.90
C VAL A 157 -8.30 7.98 30.58
N LYS A 158 -8.61 8.03 31.87
CA LYS A 158 -8.60 9.31 32.59
C LYS A 158 -7.44 9.39 33.58
N ASN B 2 -5.22 7.21 -23.98
CA ASN B 2 -4.64 7.73 -22.75
C ASN B 2 -4.95 6.82 -21.56
N ILE B 3 -4.02 6.69 -20.62
CA ILE B 3 -4.24 5.79 -19.51
C ILE B 3 -5.35 6.27 -18.55
N GLU B 4 -5.49 7.57 -18.30
CA GLU B 4 -6.62 8.02 -17.47
C GLU B 4 -7.94 7.54 -18.02
N ASN B 5 -8.06 7.64 -19.33
CA ASN B 5 -9.28 7.27 -20.03
C ASN B 5 -9.56 5.78 -19.98
N THR B 6 -8.53 4.97 -20.24
CA THR B 6 -8.69 3.51 -20.19
C THR B 6 -8.99 3.06 -18.77
N ILE B 7 -8.35 3.69 -17.77
CA ILE B 7 -8.64 3.34 -16.39
C ILE B 7 -10.09 3.73 -16.04
N LYS B 8 -10.48 4.95 -16.39
CA LYS B 8 -11.83 5.41 -16.08
C LYS B 8 -12.86 4.47 -16.72
N SER B 9 -12.63 4.08 -17.97
CA SER B 9 -13.58 3.21 -18.66
C SER B 9 -13.66 1.82 -18.02
N ALA B 10 -12.50 1.23 -17.71
CA ALA B 10 -12.46 -0.09 -17.08
C ALA B 10 -13.07 -0.07 -15.67
N TYR B 11 -12.83 1.00 -14.92
CA TYR B 11 -13.38 1.07 -13.56
C TYR B 11 -14.91 1.00 -13.65
N GLU B 12 -15.47 1.69 -14.62
CA GLU B 12 -16.91 1.70 -14.82
C GLU B 12 -17.45 0.31 -15.17
N GLU B 13 -16.70 -0.49 -15.93
CA GLU B 13 -17.17 -1.85 -16.24
C GLU B 13 -17.09 -2.78 -15.04
N SER B 14 -16.07 -2.62 -14.21
CA SER B 14 -15.91 -3.48 -13.03
C SER B 14 -17.06 -3.30 -12.04
N LEU B 15 -17.61 -2.09 -12.01
CA LEU B 15 -18.75 -1.79 -11.15
C LEU B 15 -19.98 -2.56 -11.61
N ASN B 16 -20.09 -2.80 -12.92
CA ASN B 16 -21.14 -3.64 -13.48
C ASN B 16 -20.85 -5.16 -13.52
N ASN B 17 -19.68 -5.58 -13.04
CA ASN B 17 -19.16 -6.95 -13.27
C ASN B 17 -19.12 -7.30 -14.75
N ALA B 18 -19.00 -6.28 -15.59
CA ALA B 18 -19.02 -6.47 -17.03
C ALA B 18 -17.62 -6.50 -17.59
N ARG B 19 -16.66 -6.64 -16.68
CA ARG B 19 -15.24 -6.72 -17.00
C ARG B 19 -14.94 -8.17 -17.33
N PHE B 20 -14.69 -8.46 -18.60
CA PHE B 20 -14.58 -9.87 -19.00
C PHE B 20 -13.17 -10.23 -19.39
N GLY B 21 -12.48 -9.27 -19.99
CA GLY B 21 -11.11 -9.45 -20.42
C GLY B 21 -10.50 -8.09 -20.62
N ASP B 22 -9.20 -8.06 -20.90
CA ASP B 22 -8.57 -6.82 -21.30
C ASP B 22 -9.00 -6.41 -22.69
N LYS B 23 -8.68 -5.18 -23.02
CA LYS B 23 -9.09 -4.63 -24.29
C LYS B 23 -7.82 -4.22 -24.99
N ILE B 24 -7.83 -4.29 -26.33
CA ILE B 24 -6.68 -3.89 -27.12
C ILE B 24 -6.37 -2.42 -26.89
N GLU B 25 -7.40 -1.62 -26.63
CA GLU B 25 -7.19 -0.22 -26.33
C GLU B 25 -6.31 -0.03 -25.10
N GLU B 26 -6.43 -0.92 -24.11
CA GLU B 26 -5.71 -0.77 -22.85
C GLU B 26 -4.23 -1.04 -23.06
N ILE B 27 -3.94 -2.04 -23.89
CA ILE B 27 -2.59 -2.36 -24.28
C ILE B 27 -1.98 -1.24 -25.11
N ASP B 28 -2.74 -0.73 -26.06
CA ASP B 28 -2.28 0.39 -26.89
C ASP B 28 -1.93 1.59 -26.01
N ALA B 29 -2.75 1.86 -24.99
CA ALA B 29 -2.47 2.99 -24.09
C ALA B 29 -1.16 2.79 -23.32
N ILE B 30 -0.94 1.56 -22.86
CA ILE B 30 0.32 1.26 -22.18
C ILE B 30 1.51 1.43 -23.12
N GLN B 31 1.41 0.90 -24.34
CA GLN B 31 2.52 1.02 -25.27
C GLN B 31 2.79 2.49 -25.57
N SER B 32 1.72 3.24 -25.71
CA SER B 32 1.83 4.65 -26.06
C SER B 32 2.52 5.41 -24.90
N THR B 33 2.14 5.06 -23.67
CA THR B 33 2.76 5.71 -22.49
C THR B 33 4.26 5.44 -22.42
N ILE B 34 4.68 4.21 -22.69
CA ILE B 34 6.10 3.90 -22.67
C ILE B 34 6.83 4.59 -23.84
N LYS B 35 6.31 4.46 -25.06
CA LYS B 35 7.06 4.93 -26.21
C LYS B 35 7.15 6.46 -26.22
N SER B 36 6.18 7.13 -25.62
CA SER B 36 6.14 8.60 -25.66
C SER B 36 6.81 9.27 -24.46
N ALA B 37 7.38 8.49 -23.55
CA ALA B 37 8.10 9.04 -22.37
C ALA B 37 9.21 10.00 -22.78
N LYS B 38 9.28 11.16 -22.14
CA LYS B 38 10.31 12.14 -22.46
C LYS B 38 11.44 12.03 -21.46
N ASN B 39 11.12 11.55 -20.26
CA ASN B 39 12.13 11.39 -19.21
C ASN B 39 11.92 10.06 -18.50
N VAL B 40 12.95 9.24 -18.47
CA VAL B 40 12.84 7.96 -17.81
C VAL B 40 13.82 7.92 -16.65
N THR B 41 13.36 7.48 -15.47
CA THR B 41 14.27 7.24 -14.39
C THR B 41 14.39 5.74 -14.13
N VAL B 42 15.62 5.27 -14.03
CA VAL B 42 15.90 3.91 -13.62
C VAL B 42 16.33 3.96 -12.18
N ALA B 43 15.63 3.22 -11.32
CA ALA B 43 15.78 3.32 -9.88
C ALA B 43 16.97 2.53 -9.40
N THR B 44 18.15 2.94 -9.85
CA THR B 44 19.40 2.29 -9.45
C THR B 44 20.47 3.33 -9.54
N SER B 45 21.56 3.14 -8.81
CA SER B 45 22.74 3.95 -9.04
C SER B 45 23.90 3.05 -9.51
N ASN B 46 23.58 1.80 -9.83
CA ASN B 46 24.58 0.88 -10.38
C ASN B 46 24.72 1.07 -11.89
N GLU B 47 25.91 1.46 -12.33
CA GLU B 47 26.09 1.88 -13.71
C GLU B 47 25.95 0.71 -14.70
N LYS B 48 26.34 -0.48 -14.25
CA LYS B 48 26.24 -1.68 -15.07
C LYS B 48 24.77 -2.03 -15.31
N LYS B 49 23.97 -2.01 -14.25
CA LYS B 49 22.54 -2.27 -14.41
C LYS B 49 21.87 -1.17 -15.22
N PHE B 50 22.28 0.07 -14.97
CA PHE B 50 21.72 1.20 -15.70
C PHE B 50 21.96 1.06 -17.20
N LYS B 51 23.16 0.64 -17.58
CA LYS B 51 23.50 0.50 -18.98
C LYS B 51 22.62 -0.57 -19.65
N VAL B 52 22.38 -1.69 -18.96
CA VAL B 52 21.52 -2.75 -19.51
C VAL B 52 20.12 -2.23 -19.80
N VAL B 53 19.57 -1.48 -18.84
CA VAL B 53 18.21 -0.95 -18.97
C VAL B 53 18.16 0.14 -20.03
N SER B 54 19.13 1.03 -19.96
CA SER B 54 19.16 2.21 -20.84
C SER B 54 19.34 1.78 -22.31
N ASP B 55 20.18 0.78 -22.56
CA ASP B 55 20.41 0.31 -23.92
C ASP B 55 19.14 -0.28 -24.54
N ILE B 56 18.29 -0.91 -23.72
CA ILE B 56 17.02 -1.41 -24.22
C ILE B 56 15.97 -0.29 -24.37
N ILE B 57 15.79 0.52 -23.32
CA ILE B 57 14.76 1.56 -23.33
C ILE B 57 15.05 2.63 -24.39
N SER B 58 16.33 2.89 -24.64
CA SER B 58 16.69 3.92 -25.63
C SER B 58 16.29 3.50 -27.07
N ARG B 59 16.04 2.21 -27.30
CA ARG B 59 15.64 1.73 -28.63
C ARG B 59 14.14 1.87 -28.90
N ILE B 60 13.35 2.16 -27.86
CA ILE B 60 11.90 2.26 -28.02
C ILE B 60 11.35 3.63 -27.60
N THR B 61 12.23 4.50 -27.13
CA THR B 61 11.85 5.86 -26.70
C THR B 61 12.89 6.86 -27.17
N ASP B 62 12.51 8.12 -27.25
CA ASP B 62 13.51 9.17 -27.40
C ASP B 62 13.73 9.85 -26.03
N ALA B 63 13.61 9.11 -24.95
CA ALA B 63 13.59 9.76 -23.65
C ALA B 63 15.00 10.08 -23.18
N ASN B 64 15.13 11.12 -22.35
CA ASN B 64 16.32 11.33 -21.55
C ASN B 64 16.24 10.30 -20.44
N ILE B 65 17.27 9.46 -20.29
CA ILE B 65 17.20 8.35 -19.32
C ILE B 65 18.21 8.64 -18.24
N SER B 66 17.79 8.57 -16.97
CA SER B 66 18.63 8.99 -15.86
C SER B 66 18.65 7.94 -14.75
N MET B 67 19.76 7.87 -14.00
CA MET B 67 19.82 7.08 -12.76
C MET B 67 19.16 7.79 -11.60
N LEU B 68 18.76 7.04 -10.60
CA LEU B 68 18.26 7.60 -9.34
C LEU B 68 19.45 7.68 -8.39
N GLU B 69 19.84 8.87 -7.95
CA GLU B 69 21.07 8.91 -7.16
C GLU B 69 20.81 8.56 -5.70
N ILE B 70 19.62 8.88 -5.21
CA ILE B 70 19.22 8.54 -3.84
C ILE B 70 19.26 7.02 -3.64
N PRO B 71 20.11 6.54 -2.72
CA PRO B 71 20.12 5.10 -2.46
C PRO B 71 18.76 4.61 -1.98
N THR B 72 18.47 3.35 -2.30
CA THR B 72 17.12 2.84 -2.15
C THR B 72 17.00 1.67 -1.19
N ASN B 73 18.10 1.33 -0.54
CA ASN B 73 18.15 0.13 0.29
C ASN B 73 17.12 0.28 1.40
N SER B 74 16.65 1.50 1.67
CA SER B 74 15.60 1.71 2.69
C SER B 74 14.38 0.93 2.33
N ALA B 75 14.16 0.75 1.03
CA ALA B 75 12.96 0.06 0.63
C ALA B 75 12.99 -1.41 1.02
N ASP B 76 14.14 -1.92 1.42
CA ASP B 76 14.22 -3.33 1.80
C ASP B 76 13.59 -3.61 3.17
N LEU B 77 13.13 -2.57 3.88
CA LEU B 77 12.40 -2.79 5.12
C LEU B 77 10.91 -2.49 4.91
N THR B 78 10.44 -2.75 3.70
CA THR B 78 9.02 -2.60 3.37
C THR B 78 8.51 -3.93 2.81
N ARG B 79 7.20 -4.04 2.74
CA ARG B 79 6.58 -5.28 2.27
C ARG B 79 6.83 -5.57 0.78
N MET B 80 7.00 -4.51 -0.02
CA MET B 80 7.21 -4.63 -1.47
C MET B 80 8.37 -3.74 -1.92
N PRO B 81 9.60 -4.21 -1.72
CA PRO B 81 10.76 -3.32 -1.92
C PRO B 81 10.85 -2.76 -3.35
N ALA B 82 10.68 -3.58 -4.38
CA ALA B 82 10.76 -3.06 -5.74
C ALA B 82 9.78 -1.91 -5.93
N LEU B 83 8.55 -2.09 -5.44
CA LEU B 83 7.54 -1.05 -5.62
C LEU B 83 7.94 0.23 -4.89
N ASN B 84 8.35 0.09 -3.64
CA ASN B 84 8.64 1.30 -2.90
C ASN B 84 9.91 2.00 -3.39
N LYS B 85 10.87 1.27 -3.95
CA LYS B 85 12.03 1.94 -4.59
C LYS B 85 11.49 2.76 -5.77
N GLY B 86 10.54 2.18 -6.52
CA GLY B 86 9.99 2.90 -7.67
C GLY B 86 9.29 4.17 -7.19
N LEU B 87 8.57 4.08 -6.08
CA LEU B 87 7.87 5.27 -5.56
C LEU B 87 8.82 6.33 -5.07
N ILE B 88 10.03 5.97 -4.66
CA ILE B 88 11.01 7.01 -4.31
C ILE B 88 11.28 7.89 -5.52
N ALA B 89 11.43 7.23 -6.66
CA ALA B 89 11.68 7.93 -7.90
C ALA B 89 10.45 8.73 -8.32
N VAL B 90 9.28 8.13 -8.22
CA VAL B 90 8.04 8.86 -8.53
C VAL B 90 7.93 10.13 -7.71
N ASP B 91 8.24 10.01 -6.43
CA ASP B 91 7.92 11.10 -5.52
C ASP B 91 8.98 12.20 -5.43
N SER B 92 10.18 11.92 -5.92
CA SER B 92 11.29 12.84 -5.77
C SER B 92 11.75 13.44 -7.09
N SER B 93 11.11 13.07 -8.17
CA SER B 93 11.52 13.55 -9.49
C SER B 93 10.32 13.81 -10.41
N ASP B 94 10.58 14.26 -11.63
CA ASP B 94 9.50 14.42 -12.60
C ASP B 94 9.61 13.45 -13.79
N ALA B 95 10.02 12.22 -13.52
CA ALA B 95 10.08 11.21 -14.59
C ALA B 95 8.69 10.88 -15.16
N ASP B 96 8.63 10.62 -16.47
CA ASP B 96 7.40 10.15 -17.13
C ASP B 96 7.26 8.66 -16.98
N LEU B 97 8.39 8.01 -16.76
CA LEU B 97 8.45 6.56 -16.69
C LEU B 97 9.50 6.14 -15.68
N ILE B 98 9.19 5.16 -14.85
CA ILE B 98 10.13 4.69 -13.83
C ILE B 98 10.37 3.20 -14.03
N ILE B 99 11.63 2.78 -14.13
CA ILE B 99 11.93 1.36 -14.16
C ILE B 99 12.63 0.97 -12.86
N THR B 100 12.01 0.03 -12.15
CA THR B 100 12.50 -0.33 -10.82
C THR B 100 12.64 -1.83 -10.70
N ARG B 101 13.60 -2.26 -9.90
CA ARG B 101 13.80 -3.68 -9.70
C ARG B 101 14.26 -3.88 -8.26
N GLY B 102 13.75 -4.88 -7.58
CA GLY B 102 14.17 -5.10 -6.21
C GLY B 102 13.42 -6.33 -5.75
N ARG B 103 13.39 -6.58 -4.45
CA ARG B 103 12.68 -7.74 -3.93
C ARG B 103 11.18 -7.68 -4.19
N LEU B 104 10.57 -8.84 -4.50
CA LEU B 104 9.14 -8.93 -4.70
C LEU B 104 8.40 -8.72 -3.38
N GLY B 105 8.81 -9.48 -2.37
CA GLY B 105 8.13 -9.49 -1.09
C GLY B 105 9.15 -9.68 0.02
N ILE B 106 8.96 -10.72 0.83
CA ILE B 106 9.88 -10.95 1.96
C ILE B 106 11.25 -11.48 1.50
N PRO B 107 12.24 -11.47 2.41
CA PRO B 107 13.51 -12.10 2.03
C PRO B 107 13.33 -13.53 1.53
N GLY B 108 13.92 -13.82 0.37
CA GLY B 108 13.80 -15.14 -0.23
C GLY B 108 12.79 -15.18 -1.35
N SER B 109 11.98 -14.12 -1.49
CA SER B 109 10.91 -14.12 -2.49
C SER B 109 11.39 -13.76 -3.90
N GLY B 110 12.70 -13.55 -4.06
CA GLY B 110 13.24 -13.27 -5.38
C GLY B 110 12.92 -11.84 -5.82
N SER B 111 13.08 -11.60 -7.13
CA SER B 111 13.02 -10.25 -7.65
C SER B 111 11.80 -9.91 -8.50
N LEU B 112 11.43 -8.63 -8.44
CA LEU B 112 10.34 -8.07 -9.23
C LEU B 112 10.85 -6.86 -9.97
N LEU B 113 10.62 -6.82 -11.30
CA LEU B 113 10.89 -5.60 -12.06
C LEU B 113 9.55 -4.99 -12.38
N LEU B 114 9.43 -3.66 -12.22
CA LEU B 114 8.21 -2.98 -12.61
C LEU B 114 8.54 -1.83 -13.53
N ILE B 115 7.63 -1.58 -14.47
CA ILE B 115 7.61 -0.31 -15.19
C ILE B 115 6.40 0.48 -14.73
N MET B 116 6.68 1.64 -14.13
CA MET B 116 5.65 2.48 -13.56
C MET B 116 5.56 3.81 -14.30
N ASP B 117 4.40 4.46 -14.26
CA ASP B 117 4.32 5.77 -14.92
C ASP B 117 4.52 6.89 -13.90
N LYS B 118 4.26 8.12 -14.32
CA LYS B 118 4.60 9.30 -13.55
C LYS B 118 3.83 9.43 -12.22
N LYS B 119 2.72 8.70 -12.08
CA LYS B 119 1.91 8.69 -10.84
C LYS B 119 2.17 7.43 -10.02
N GLY B 120 3.02 6.55 -10.52
CA GLY B 120 3.27 5.33 -9.78
C GLY B 120 2.33 4.21 -10.18
N ARG B 121 1.54 4.42 -11.24
CA ARG B 121 0.68 3.31 -11.72
C ARG B 121 1.54 2.23 -12.39
N ILE B 122 1.18 0.96 -12.20
CA ILE B 122 2.00 -0.13 -12.71
C ILE B 122 1.55 -0.58 -14.09
N LEU B 123 2.46 -0.52 -15.06
CA LEU B 123 2.11 -0.80 -16.46
C LEU B 123 2.40 -2.23 -16.83
N THR B 124 3.51 -2.71 -16.32
CA THR B 124 3.94 -4.08 -16.62
C THR B 124 5.06 -4.46 -15.69
N GLY B 125 5.47 -5.73 -15.71
CA GLY B 125 6.51 -6.12 -14.77
C GLY B 125 6.91 -7.55 -15.05
N SER B 126 7.88 -8.05 -14.31
CA SER B 126 8.35 -9.43 -14.49
CA SER B 126 8.31 -9.45 -14.47
C SER B 126 9.02 -9.88 -13.19
N VAL B 127 9.14 -11.18 -12.97
CA VAL B 127 9.81 -11.64 -11.75
C VAL B 127 10.94 -12.62 -12.09
N SER B 128 11.91 -12.74 -11.19
CA SER B 128 12.97 -13.75 -11.34
C SER B 128 13.27 -14.38 -9.98
N PRO B 129 13.83 -15.61 -9.99
CA PRO B 129 14.10 -16.30 -8.72
C PRO B 129 15.22 -15.64 -7.91
N SER B 130 15.19 -15.92 -6.62
CA SER B 130 16.32 -15.69 -5.76
C SER B 130 17.61 -16.34 -6.34
N SER B 131 18.78 -15.74 -6.10
CA SER B 131 20.04 -16.36 -6.51
C SER B 131 20.32 -17.67 -5.80
N ILE B 132 19.66 -17.89 -4.66
CA ILE B 132 19.81 -19.15 -3.95
C ILE B 132 19.24 -20.27 -4.82
N ILE B 133 18.18 -19.94 -5.54
CA ILE B 133 17.46 -20.88 -6.37
C ILE B 133 18.06 -20.97 -7.78
N HIS B 134 18.38 -19.82 -8.35
CA HIS B 134 18.92 -19.80 -9.70
C HIS B 134 20.07 -18.83 -9.79
N LYS B 135 21.25 -19.37 -10.05
CA LYS B 135 22.45 -18.58 -10.16
C LYS B 135 22.59 -18.06 -11.58
N ASN B 136 22.84 -16.76 -11.69
CA ASN B 136 22.81 -16.09 -12.97
C ASN B 136 23.46 -14.72 -12.86
N PRO B 137 24.29 -14.34 -13.85
CA PRO B 137 24.86 -12.99 -13.79
C PRO B 137 23.75 -11.95 -13.76
N ILE B 138 23.94 -10.92 -12.92
CA ILE B 138 22.89 -9.95 -12.69
C ILE B 138 22.52 -9.22 -14.01
N ASP B 139 23.48 -9.00 -14.92
CA ASP B 139 23.08 -8.22 -16.09
C ASP B 139 22.19 -9.06 -16.99
N LYS B 140 22.41 -10.37 -17.00
CA LYS B 140 21.58 -11.26 -17.80
C LYS B 140 20.22 -11.37 -17.19
N THR B 141 20.16 -11.33 -15.85
CA THR B 141 18.89 -11.39 -15.14
C THR B 141 18.02 -10.16 -15.41
N VAL B 142 18.62 -9.00 -15.29
CA VAL B 142 17.89 -7.74 -15.52
C VAL B 142 17.43 -7.60 -16.98
N GLU B 143 18.32 -7.96 -17.89
CA GLU B 143 17.99 -7.93 -19.33
C GLU B 143 16.74 -8.76 -19.56
N LEU B 144 16.73 -9.99 -19.05
CA LEU B 144 15.58 -10.89 -19.23
C LEU B 144 14.33 -10.34 -18.58
N GLU B 145 14.47 -9.82 -17.37
CA GLU B 145 13.33 -9.24 -16.68
C GLU B 145 12.73 -8.12 -17.52
N LEU B 146 13.56 -7.26 -18.08
CA LEU B 146 13.03 -6.09 -18.78
C LEU B 146 12.42 -6.49 -20.14
N ILE B 147 13.12 -7.37 -20.85
CA ILE B 147 12.61 -7.80 -22.15
C ILE B 147 11.27 -8.50 -21.95
N THR B 148 11.17 -9.32 -20.89
CA THR B 148 9.94 -10.05 -20.63
C THR B 148 8.80 -9.07 -20.28
N ALA B 149 9.12 -8.08 -19.48
CA ALA B 149 8.10 -7.10 -19.06
C ALA B 149 7.60 -6.30 -20.27
N LEU B 150 8.48 -6.03 -21.23
CA LEU B 150 8.05 -5.31 -22.43
C LEU B 150 7.24 -6.20 -23.36
N GLU B 151 7.70 -7.44 -23.57
CA GLU B 151 7.01 -8.33 -24.49
C GLU B 151 5.60 -8.63 -24.07
N ARG B 152 5.35 -8.67 -22.76
CA ARG B 152 4.01 -9.06 -22.31
C ARG B 152 2.99 -7.92 -22.47
N ILE B 153 3.43 -6.70 -22.80
CA ILE B 153 2.47 -5.67 -23.20
C ILE B 153 2.68 -5.31 -24.68
N GLY B 154 3.38 -6.19 -25.41
CA GLY B 154 3.40 -6.15 -26.84
C GLY B 154 4.52 -5.38 -27.50
N ILE B 155 5.52 -5.02 -26.71
CA ILE B 155 6.70 -4.36 -27.23
C ILE B 155 7.84 -5.37 -27.31
N VAL B 156 8.25 -5.71 -28.53
CA VAL B 156 9.32 -6.67 -28.70
C VAL B 156 10.64 -5.97 -29.02
N VAL B 157 11.68 -6.29 -28.27
CA VAL B 157 12.95 -5.62 -28.46
C VAL B 157 13.94 -6.52 -29.17
N MET C 1 11.34 24.54 -3.48
CA MET C 1 10.09 25.25 -3.74
C MET C 1 8.90 24.28 -3.74
N ASN C 2 8.96 23.31 -4.65
CA ASN C 2 7.90 22.34 -4.84
C ASN C 2 8.06 21.06 -3.98
N ILE C 3 7.03 20.23 -3.97
CA ILE C 3 7.04 19.04 -3.15
C ILE C 3 8.11 18.00 -3.61
N GLU C 4 8.38 17.88 -4.91
CA GLU C 4 9.46 16.99 -5.31
C GLU C 4 10.76 17.38 -4.62
N ASN C 5 11.01 18.69 -4.56
CA ASN C 5 12.25 19.19 -3.98
C ASN C 5 12.35 18.91 -2.49
N THR C 6 11.28 19.23 -1.77
CA THR C 6 11.26 19.03 -0.34
C THR C 6 11.34 17.55 -0.03
N ILE C 7 10.72 16.73 -0.87
CA ILE C 7 10.82 15.31 -0.68
C ILE C 7 12.23 14.81 -0.91
N LYS C 8 12.85 15.22 -2.01
CA LYS C 8 14.21 14.78 -2.32
C LYS C 8 15.13 15.21 -1.17
N SER C 9 14.95 16.43 -0.67
CA SER C 9 15.80 16.94 0.39
C SER C 9 15.61 16.19 1.72
N ALA C 10 14.37 15.92 2.08
CA ALA C 10 14.07 15.20 3.31
C ALA C 10 14.57 13.77 3.24
N TYR C 11 14.40 13.14 2.08
CA TYR C 11 14.83 11.75 1.94
C TYR C 11 16.33 11.65 2.14
N GLU C 12 17.06 12.63 1.59
CA GLU C 12 18.51 12.63 1.72
C GLU C 12 18.96 12.75 3.19
N GLU C 13 18.23 13.50 3.99
CA GLU C 13 18.57 13.61 5.40
C GLU C 13 18.30 12.29 6.12
N SER C 14 17.18 11.68 5.75
CA SER C 14 16.69 10.46 6.38
C SER C 14 17.58 9.26 6.16
N LEU C 15 18.33 9.27 5.06
CA LEU C 15 19.25 8.18 4.77
C LEU C 15 20.32 8.10 5.85
N ASN C 16 20.69 9.25 6.38
CA ASN C 16 21.65 9.35 7.49
C ASN C 16 21.03 9.17 8.89
N ASN C 17 19.71 9.02 8.96
CA ASN C 17 18.96 9.16 10.22
C ASN C 17 19.22 10.57 10.82
N ALA C 18 19.52 11.53 9.93
CA ALA C 18 19.91 12.90 10.30
C ALA C 18 18.75 13.87 10.18
N ARG C 19 17.55 13.31 10.09
CA ARG C 19 16.29 14.02 10.02
C ARG C 19 15.84 14.30 11.44
N PHE C 20 15.89 15.55 11.87
CA PHE C 20 15.63 15.84 13.29
C PHE C 20 14.31 16.60 13.48
N GLY C 21 13.90 17.35 12.47
CA GLY C 21 12.60 18.03 12.52
C GLY C 21 12.10 18.42 11.16
N ASP C 22 10.85 18.89 11.09
CA ASP C 22 10.35 19.49 9.87
C ASP C 22 10.93 20.88 9.61
N LYS C 23 10.68 21.34 8.39
CA LYS C 23 11.23 22.60 7.92
C LYS C 23 10.09 23.47 7.41
N ILE C 24 10.27 24.78 7.53
CA ILE C 24 9.26 25.71 7.07
C ILE C 24 9.00 25.60 5.56
N GLU C 25 10.04 25.26 4.79
CA GLU C 25 9.94 25.04 3.35
C GLU C 25 8.94 23.96 3.01
N GLU C 26 8.84 22.97 3.88
CA GLU C 26 7.96 21.84 3.62
C GLU C 26 6.51 22.25 3.74
N ILE C 27 6.22 23.08 4.74
CA ILE C 27 4.88 23.63 4.88
C ILE C 27 4.57 24.55 3.71
N ASP C 28 5.53 25.40 3.34
CA ASP C 28 5.36 26.32 2.21
C ASP C 28 5.03 25.56 0.93
N ALA C 29 5.72 24.45 0.68
CA ALA C 29 5.45 23.67 -0.53
C ALA C 29 4.04 23.07 -0.54
N ILE C 30 3.59 22.58 0.61
CA ILE C 30 2.24 22.05 0.72
C ILE C 30 1.19 23.14 0.44
N GLN C 31 1.35 24.31 1.05
CA GLN C 31 0.37 25.37 0.86
C GLN C 31 0.34 25.83 -0.58
N SER C 32 1.52 25.94 -1.18
CA SER C 32 1.63 26.38 -2.55
C SER C 32 0.94 25.39 -3.48
N THR C 33 1.11 24.10 -3.20
CA THR C 33 0.47 23.06 -4.00
C THR C 33 -1.05 23.13 -3.95
N ILE C 34 -1.57 23.36 -2.75
CA ILE C 34 -3.03 23.47 -2.55
C ILE C 34 -3.55 24.74 -3.23
N LYS C 35 -2.89 25.87 -2.97
CA LYS C 35 -3.40 27.14 -3.46
C LYS C 35 -3.30 27.27 -4.97
N SER C 36 -2.31 26.63 -5.58
CA SER C 36 -2.13 26.77 -7.02
C SER C 36 -2.79 25.65 -7.85
N ALA C 37 -3.52 24.76 -7.18
CA ALA C 37 -4.21 23.68 -7.91
C ALA C 37 -5.09 24.23 -9.06
N LYS C 38 -5.09 23.55 -10.20
CA LYS C 38 -5.97 23.95 -11.31
C LYS C 38 -7.29 23.17 -11.33
N ASN C 39 -7.24 21.94 -10.79
CA ASN C 39 -8.38 21.03 -10.78
C ASN C 39 -8.39 20.25 -9.51
N VAL C 40 -9.49 20.34 -8.78
CA VAL C 40 -9.66 19.60 -7.55
C VAL C 40 -10.76 18.59 -7.74
N THR C 41 -10.53 17.34 -7.36
CA THR C 41 -11.61 16.35 -7.36
C THR C 41 -11.97 16.00 -5.93
N VAL C 42 -13.26 16.04 -5.62
CA VAL C 42 -13.73 15.59 -4.31
C VAL C 42 -14.27 14.18 -4.56
N ALA C 43 -13.76 13.20 -3.80
CA ALA C 43 -14.04 11.80 -4.11
C ALA C 43 -15.40 11.41 -3.56
N THR C 44 -16.43 12.07 -4.06
CA THR C 44 -17.79 11.78 -3.63
C THR C 44 -18.74 12.13 -4.77
N SER C 45 -19.91 11.51 -4.78
CA SER C 45 -20.95 11.96 -5.67
C SER C 45 -22.16 12.45 -4.86
N ASN C 46 -21.96 12.60 -3.55
CA ASN C 46 -23.03 13.15 -2.71
C ASN C 46 -23.01 14.65 -2.78
N GLU C 47 -24.07 15.25 -3.30
CA GLU C 47 -24.03 16.70 -3.54
C GLU C 47 -23.95 17.52 -2.23
N LYS C 48 -24.55 17.05 -1.16
CA LYS C 48 -24.48 17.78 0.10
C LYS C 48 -23.06 17.85 0.64
N LYS C 49 -22.34 16.73 0.63
CA LYS C 49 -20.95 16.73 1.04
C LYS C 49 -20.08 17.55 0.10
N PHE C 50 -20.34 17.43 -1.20
CA PHE C 50 -19.60 18.16 -2.18
C PHE C 50 -19.72 19.66 -1.93
N LYS C 51 -20.93 20.12 -1.60
CA LYS C 51 -21.13 21.55 -1.32
C LYS C 51 -20.30 22.01 -0.11
N VAL C 52 -20.31 21.21 0.95
CA VAL C 52 -19.52 21.56 2.14
C VAL C 52 -18.05 21.73 1.76
N VAL C 53 -17.52 20.77 0.99
CA VAL C 53 -16.10 20.81 0.63
C VAL C 53 -15.82 21.96 -0.35
N SER C 54 -16.67 22.10 -1.35
CA SER C 54 -16.47 23.12 -2.37
C SER C 54 -16.48 24.52 -1.79
N ASP C 55 -17.39 24.76 -0.86
CA ASP C 55 -17.55 26.09 -0.28
C ASP C 55 -16.30 26.51 0.46
N ILE C 56 -15.62 25.54 1.05
CA ILE C 56 -14.37 25.83 1.74
C ILE C 56 -13.20 25.97 0.74
N ILE C 57 -13.07 25.00 -0.16
CA ILE C 57 -11.93 24.93 -1.08
C ILE C 57 -11.95 26.12 -2.07
N SER C 58 -13.14 26.56 -2.45
CA SER C 58 -13.24 27.65 -3.42
C SER C 58 -12.67 28.96 -2.87
N ARG C 59 -12.56 29.05 -1.54
CA ARG C 59 -12.02 30.28 -0.95
C ARG C 59 -10.47 30.29 -0.87
N ILE C 60 -9.84 29.15 -1.12
CA ILE C 60 -8.40 28.97 -0.95
CA ILE C 60 -8.39 29.12 -0.98
C ILE C 60 -7.67 28.83 -2.29
N THR C 61 -8.42 28.49 -3.34
CA THR C 61 -7.80 28.22 -4.64
C THR C 61 -8.71 28.70 -5.76
N ASP C 62 -8.17 28.91 -6.96
CA ASP C 62 -9.02 29.21 -8.10
C ASP C 62 -9.34 28.00 -8.96
N ALA C 63 -9.21 26.80 -8.41
CA ALA C 63 -9.30 25.57 -9.16
C ALA C 63 -10.73 25.29 -9.58
N ASN C 64 -10.88 24.57 -10.68
CA ASN C 64 -12.16 23.90 -10.95
C ASN C 64 -12.35 22.84 -9.91
N ILE C 65 -13.57 22.74 -9.35
CA ILE C 65 -13.85 21.73 -8.33
C ILE C 65 -14.91 20.77 -8.90
N SER C 66 -14.64 19.47 -8.80
CA SER C 66 -15.51 18.47 -9.42
C SER C 66 -15.79 17.33 -8.47
N MET C 67 -16.94 16.69 -8.64
CA MET C 67 -17.26 15.44 -7.98
C MET C 67 -16.62 14.27 -8.73
N LEU C 68 -16.46 13.16 -8.04
CA LEU C 68 -16.05 11.89 -8.63
C LEU C 68 -17.33 11.07 -8.92
N GLU C 69 -17.61 10.77 -10.17
CA GLU C 69 -18.87 10.07 -10.42
C GLU C 69 -18.68 8.55 -10.28
N ILE C 70 -17.45 8.09 -10.50
CA ILE C 70 -17.12 6.67 -10.28
C ILE C 70 -17.40 6.31 -8.81
N PRO C 71 -18.37 5.40 -8.55
CA PRO C 71 -18.60 5.07 -7.14
C PRO C 71 -17.38 4.47 -6.48
N THR C 72 -17.33 4.69 -5.17
CA THR C 72 -16.11 4.44 -4.43
C THR C 72 -16.35 3.35 -3.39
N ASN C 73 -17.54 2.75 -3.44
CA ASN C 73 -17.96 1.79 -2.44
C ASN C 73 -16.99 0.62 -2.38
N SER C 74 -16.31 0.36 -3.50
CA SER C 74 -15.39 -0.79 -3.62
C SER C 74 -14.23 -0.69 -2.66
N ALA C 75 -13.88 0.56 -2.32
CA ALA C 75 -12.73 0.77 -1.48
C ALA C 75 -13.00 0.27 -0.07
N ASP C 76 -14.23 -0.07 0.26
CA ASP C 76 -14.51 -0.53 1.63
C ASP C 76 -14.05 -1.96 1.85
N LEU C 77 -13.57 -2.63 0.80
CA LEU C 77 -12.99 -3.97 0.97
C LEU C 77 -11.47 -3.89 0.86
N THR C 78 -10.93 -2.76 1.25
CA THR C 78 -9.47 -2.60 1.26
C THR C 78 -9.03 -2.23 2.65
N ARG C 79 -7.72 -2.33 2.91
CA ARG C 79 -7.24 -2.02 4.26
C ARG C 79 -7.36 -0.58 4.67
N MET C 80 -7.29 0.31 3.70
CA MET C 80 -7.38 1.75 3.93
C MET C 80 -8.36 2.41 2.95
N PRO C 81 -9.65 2.33 3.28
CA PRO C 81 -10.66 2.77 2.31
C PRO C 81 -10.54 4.23 1.86
N ALA C 82 -10.41 5.17 2.79
CA ALA C 82 -10.28 6.56 2.38
C ALA C 82 -9.15 6.74 1.38
N LEU C 83 -8.01 6.09 1.63
CA LEU C 83 -6.86 6.23 0.78
C LEU C 83 -7.12 5.69 -0.62
N ASN C 84 -7.68 4.50 -0.67
CA ASN C 84 -7.92 3.88 -1.96
C ASN C 84 -9.04 4.56 -2.72
N LYS C 85 -10.00 5.20 -2.03
CA LYS C 85 -10.97 6.04 -2.72
C LYS C 85 -10.27 7.21 -3.40
N GLY C 86 -9.31 7.80 -2.69
CA GLY C 86 -8.56 8.92 -3.23
C GLY C 86 -7.79 8.49 -4.47
N LEU C 87 -7.20 7.31 -4.41
CA LEU C 87 -6.42 6.81 -5.53
C LEU C 87 -7.30 6.53 -6.76
N ILE C 88 -8.61 6.24 -6.58
CA ILE C 88 -9.49 6.13 -7.75
C ILE C 88 -9.53 7.46 -8.53
N ALA C 89 -9.61 8.57 -7.79
CA ALA C 89 -9.63 9.89 -8.40
C ALA C 89 -8.27 10.20 -9.01
N VAL C 90 -7.19 9.89 -8.31
CA VAL C 90 -5.84 10.12 -8.84
C VAL C 90 -5.63 9.45 -10.17
N ASP C 91 -6.06 8.19 -10.25
CA ASP C 91 -5.71 7.37 -11.39
C ASP C 91 -6.66 7.53 -12.57
N SER C 92 -7.83 8.11 -12.36
CA SER C 92 -8.82 8.18 -13.43
C SER C 92 -9.11 9.60 -13.91
N SER C 93 -8.45 10.59 -13.32
CA SER C 93 -8.67 11.97 -13.73
C SER C 93 -7.34 12.75 -13.72
N ASP C 94 -7.38 14.01 -14.16
CA ASP C 94 -6.16 14.80 -14.10
C ASP C 94 -6.26 15.85 -13.01
N ALA C 95 -6.87 15.47 -11.90
CA ALA C 95 -6.92 16.34 -10.74
C ALA C 95 -5.52 16.63 -10.20
N ASP C 96 -5.30 17.88 -9.80
CA ASP C 96 -4.09 18.32 -9.09
C ASP C 96 -4.17 18.06 -7.61
N LEU C 97 -5.39 17.98 -7.12
CA LEU C 97 -5.65 17.90 -5.71
C LEU C 97 -6.90 17.03 -5.54
N ILE C 98 -6.84 16.10 -4.61
CA ILE C 98 -7.92 15.14 -4.38
C ILE C 98 -8.33 15.25 -2.92
N ILE C 99 -9.60 15.45 -2.67
CA ILE C 99 -10.08 15.44 -1.30
C ILE C 99 -10.93 14.19 -1.12
N THR C 100 -10.52 13.31 -0.20
CA THR C 100 -11.21 12.04 -0.03
C THR C 100 -11.55 11.81 1.42
N ARG C 101 -12.66 11.13 1.68
CA ARG C 101 -12.98 10.86 3.05
C ARG C 101 -13.62 9.49 3.08
N GLY C 102 -13.26 8.69 4.05
CA GLY C 102 -13.81 7.34 4.12
C GLY C 102 -13.26 6.65 5.33
N ARG C 103 -13.44 5.33 5.41
CA ARG C 103 -12.96 4.63 6.60
C ARG C 103 -11.44 4.72 6.74
N LEU C 104 -10.99 4.84 7.99
CA LEU C 104 -9.57 4.87 8.28
C LEU C 104 -8.93 3.50 8.03
N GLY C 105 -9.54 2.48 8.62
CA GLY C 105 -8.97 1.14 8.61
C GLY C 105 -10.08 0.11 8.53
N ILE C 106 -10.13 -0.81 9.49
CA ILE C 106 -11.15 -1.85 9.47
C ILE C 106 -12.52 -1.29 9.85
N PRO C 107 -13.59 -2.05 9.61
CA PRO C 107 -14.90 -1.61 10.10
C PRO C 107 -14.90 -1.25 11.59
N GLY C 108 -15.38 -0.07 11.91
CA GLY C 108 -15.39 0.42 13.28
C GLY C 108 -14.29 1.42 13.61
N SER C 109 -13.31 1.57 12.72
CA SER C 109 -12.17 2.42 12.98
C SER C 109 -12.46 3.90 12.71
N GLY C 110 -13.69 4.20 12.30
CA GLY C 110 -14.05 5.59 12.04
C GLY C 110 -13.52 6.11 10.71
N SER C 111 -13.54 7.44 10.56
CA SER C 111 -13.29 8.07 9.28
C SER C 111 -11.96 8.82 9.23
N LEU C 112 -11.41 8.87 8.02
CA LEU C 112 -10.17 9.58 7.70
C LEU C 112 -10.47 10.50 6.53
N LEU C 113 -10.13 11.78 6.65
CA LEU C 113 -10.18 12.67 5.50
C LEU C 113 -8.72 12.88 5.06
N LEU C 114 -8.44 12.80 3.74
CA LEU C 114 -7.09 13.07 3.24
C LEU C 114 -7.16 14.11 2.14
N ILE C 115 -6.11 14.93 2.09
CA ILE C 115 -5.87 15.77 0.90
C ILE C 115 -4.63 15.20 0.23
N MET C 116 -4.82 14.74 -1.01
CA MET C 116 -3.77 14.09 -1.79
C MET C 116 -3.43 14.91 -3.04
N ASP C 117 -2.21 14.77 -3.53
CA ASP C 117 -1.87 15.48 -4.76
C ASP C 117 -1.99 14.57 -6.00
N LYS C 118 -1.49 15.09 -7.12
CA LYS C 118 -1.74 14.47 -8.43
C LYS C 118 -1.08 13.12 -8.55
N LYS C 119 -0.13 12.82 -7.66
CA LYS C 119 0.54 11.51 -7.68
C LYS C 119 0.00 10.58 -6.60
N GLY C 120 -0.94 11.06 -5.80
CA GLY C 120 -1.46 10.27 -4.70
C GLY C 120 -0.63 10.48 -3.43
N ARG C 121 0.28 11.44 -3.43
CA ARG C 121 1.02 11.73 -2.18
C ARG C 121 0.11 12.39 -1.16
N ILE C 122 0.30 12.08 0.12
CA ILE C 122 -0.59 12.64 1.13
C ILE C 122 -0.03 13.94 1.72
N LEU C 123 -0.81 15.03 1.63
CA LEU C 123 -0.36 16.36 2.06
C LEU C 123 -0.83 16.66 3.47
N THR C 124 -2.03 16.21 3.79
CA THR C 124 -2.58 16.48 5.12
C THR C 124 -3.83 15.64 5.30
N GLY C 125 -4.38 15.64 6.51
CA GLY C 125 -5.54 14.80 6.76
C GLY C 125 -6.07 15.01 8.15
N SER C 126 -7.19 14.34 8.47
CA SER C 126 -7.75 14.40 9.82
C SER C 126 -8.66 13.20 10.04
N VAL C 127 -8.95 12.90 11.30
CA VAL C 127 -9.76 11.72 11.60
C VAL C 127 -11.00 12.12 12.39
N SER C 128 -12.06 11.32 12.28
CA SER C 128 -13.26 11.56 13.10
C SER C 128 -13.77 10.24 13.64
N PRO C 129 -14.46 10.24 14.81
CA PRO C 129 -14.93 8.96 15.34
C PRO C 129 -16.05 8.34 14.53
N SER C 130 -16.20 7.03 14.64
CA SER C 130 -17.39 6.33 14.17
C SER C 130 -18.66 7.02 14.71
N SER C 131 -19.75 6.95 13.94
CA SER C 131 -21.04 7.48 14.38
C SER C 131 -21.59 6.78 15.59
N ILE C 132 -21.13 5.54 15.82
CA ILE C 132 -21.52 4.76 16.99
C ILE C 132 -21.00 5.44 18.26
N ILE C 133 -19.82 6.05 18.13
CA ILE C 133 -19.13 6.70 19.25
C ILE C 133 -19.60 8.13 19.38
N HIS C 134 -19.70 8.81 18.24
CA HIS C 134 -20.10 10.21 18.23
C HIS C 134 -21.17 10.42 17.17
N LYS C 135 -22.37 10.79 17.62
CA LYS C 135 -23.50 11.06 16.74
C LYS C 135 -23.42 12.51 16.28
N ASN C 136 -23.56 12.74 14.99
CA ASN C 136 -23.23 14.05 14.46
C ASN C 136 -23.72 14.25 13.02
N PRO C 137 -24.28 15.44 12.69
CA PRO C 137 -24.72 15.65 11.30
C PRO C 137 -23.53 15.48 10.37
N ILE C 138 -23.73 14.73 9.29
CA ILE C 138 -22.64 14.33 8.43
C ILE C 138 -21.94 15.53 7.77
N ASP C 139 -22.68 16.57 7.43
CA ASP C 139 -22.00 17.65 6.75
C ASP C 139 -21.19 18.51 7.73
N LYS C 140 -21.59 18.60 8.99
CA LYS C 140 -20.76 19.34 9.93
C LYS C 140 -19.51 18.49 10.33
N THR C 141 -19.64 17.16 10.29
CA THR C 141 -18.46 16.30 10.52
C THR C 141 -17.43 16.54 9.44
N VAL C 142 -17.89 16.53 8.20
CA VAL C 142 -16.99 16.73 7.06
C VAL C 142 -16.39 18.13 7.11
N GLU C 143 -17.21 19.12 7.43
CA GLU C 143 -16.68 20.48 7.56
C GLU C 143 -15.55 20.53 8.58
N LEU C 144 -15.77 19.97 9.76
CA LEU C 144 -14.71 19.99 10.78
C LEU C 144 -13.47 19.25 10.33
N GLU C 145 -13.67 18.10 9.68
CA GLU C 145 -12.55 17.33 9.18
C GLU C 145 -11.72 18.15 8.22
N LEU C 146 -12.38 18.85 7.31
CA LEU C 146 -11.64 19.54 6.27
C LEU C 146 -10.93 20.75 6.85
N ILE C 147 -11.62 21.52 7.69
CA ILE C 147 -10.99 22.68 8.31
C ILE C 147 -9.76 22.29 9.14
N THR C 148 -9.90 21.19 9.87
CA THR C 148 -8.81 20.70 10.71
C THR C 148 -7.62 20.31 9.82
N ALA C 149 -7.93 19.66 8.71
CA ALA C 149 -6.85 19.20 7.81
C ALA C 149 -6.11 20.37 7.19
N LEU C 150 -6.85 21.45 6.90
CA LEU C 150 -6.23 22.65 6.35
C LEU C 150 -5.46 23.40 7.40
N GLU C 151 -6.05 23.55 8.60
CA GLU C 151 -5.38 24.33 9.64
C GLU C 151 -4.07 23.70 10.07
N ARG C 152 -3.96 22.38 10.02
CA ARG C 152 -2.74 21.75 10.52
C ARG C 152 -1.58 21.88 9.56
N ILE C 153 -1.83 22.36 8.34
CA ILE C 153 -0.70 22.75 7.50
C ILE C 153 -0.67 24.26 7.28
N GLY C 154 -1.36 25.01 8.16
CA GLY C 154 -1.18 26.44 8.19
C GLY C 154 -2.10 27.26 7.32
N ILE C 155 -3.15 26.65 6.80
CA ILE C 155 -4.15 27.34 6.01
C ILE C 155 -5.37 27.64 6.87
N VAL C 156 -5.67 28.91 7.06
CA VAL C 156 -6.81 29.22 7.91
C VAL C 156 -8.06 29.55 7.09
N VAL C 157 -9.17 28.92 7.43
CA VAL C 157 -10.38 29.11 6.66
C VAL C 157 -11.36 30.01 7.41
N MET D 1 12.30 -22.44 9.91
CA MET D 1 12.59 -21.37 10.86
C MET D 1 11.51 -20.31 10.66
N ASN D 2 11.48 -19.27 11.49
CA ASN D 2 10.40 -18.32 11.35
C ASN D 2 10.68 -17.37 10.23
N ILE D 3 9.61 -16.96 9.58
CA ILE D 3 9.71 -15.89 8.62
C ILE D 3 9.97 -14.64 9.48
N GLU D 4 9.40 -14.59 10.69
CA GLU D 4 9.70 -13.46 11.58
C GLU D 4 11.18 -13.31 11.78
N ASN D 5 11.85 -14.43 12.02
CA ASN D 5 13.28 -14.45 12.29
C ASN D 5 14.10 -14.03 11.09
N THR D 6 13.78 -14.61 9.92
CA THR D 6 14.53 -14.28 8.70
C THR D 6 14.29 -12.83 8.34
N ILE D 7 13.06 -12.36 8.56
CA ILE D 7 12.75 -10.98 8.26
C ILE D 7 13.53 -10.08 9.20
N LYS D 8 13.50 -10.39 10.48
CA LYS D 8 14.21 -9.54 11.43
C LYS D 8 15.71 -9.46 11.09
N SER D 9 16.30 -10.61 10.79
CA SER D 9 17.72 -10.66 10.49
C SER D 9 18.06 -9.92 9.21
N ALA D 10 17.25 -10.12 8.17
CA ALA D 10 17.49 -9.43 6.90
C ALA D 10 17.35 -7.90 7.03
N TYR D 11 16.35 -7.45 7.79
CA TYR D 11 16.14 -6.02 7.98
C TYR D 11 17.36 -5.39 8.66
N GLU D 12 17.87 -6.07 9.66
CA GLU D 12 19.06 -5.59 10.38
C GLU D 12 20.28 -5.52 9.48
N GLU D 13 20.44 -6.48 8.57
CA GLU D 13 21.59 -6.42 7.68
C GLU D 13 21.37 -5.34 6.62
N SER D 14 20.12 -5.10 6.20
CA SER D 14 19.89 -4.06 5.20
C SER D 14 20.26 -2.67 5.73
N LEU D 15 20.06 -2.45 7.03
CA LEU D 15 20.41 -1.19 7.67
C LEU D 15 21.92 -0.98 7.69
N ASN D 16 22.63 -2.09 7.76
CA ASN D 16 24.09 -2.09 7.73
C ASN D 16 24.67 -2.01 6.32
N ASN D 17 23.78 -2.00 5.32
CA ASN D 17 24.17 -2.21 3.93
C ASN D 17 24.97 -3.49 3.73
N ALA D 18 24.70 -4.47 4.57
CA ALA D 18 25.36 -5.76 4.50
C ALA D 18 24.44 -6.71 3.81
N ARG D 19 23.40 -6.18 3.18
CA ARG D 19 22.45 -7.03 2.47
C ARG D 19 22.93 -7.30 1.06
N PHE D 20 23.35 -8.52 0.83
CA PHE D 20 23.87 -8.90 -0.45
C PHE D 20 22.96 -9.99 -1.01
N GLY D 21 23.46 -11.20 -1.11
CA GLY D 21 22.60 -12.26 -1.60
C GLY D 21 21.54 -12.66 -0.60
N ASP D 22 20.59 -13.46 -1.07
CA ASP D 22 19.68 -14.10 -0.16
C ASP D 22 20.42 -15.21 0.55
N LYS D 23 19.76 -15.76 1.55
CA LYS D 23 20.36 -16.81 2.36
C LYS D 23 19.47 -18.03 2.21
N ILE D 24 20.08 -19.20 2.31
CA ILE D 24 19.35 -20.45 2.17
C ILE D 24 18.27 -20.56 3.24
N GLU D 25 18.55 -20.01 4.42
CA GLU D 25 17.60 -19.99 5.51
C GLU D 25 16.30 -19.32 5.11
N GLU D 26 16.40 -18.32 4.23
CA GLU D 26 15.22 -17.55 3.84
C GLU D 26 14.30 -18.37 2.95
N ILE D 27 14.90 -19.13 2.04
CA ILE D 27 14.12 -20.02 1.21
C ILE D 27 13.49 -21.11 2.07
N ASP D 28 14.29 -21.66 2.98
CA ASP D 28 13.83 -22.73 3.87
C ASP D 28 12.61 -22.31 4.66
N ALA D 29 12.62 -21.08 5.15
CA ALA D 29 11.50 -20.53 5.92
C ALA D 29 10.25 -20.39 5.05
N ILE D 30 10.43 -19.95 3.82
CA ILE D 30 9.31 -19.88 2.87
C ILE D 30 8.75 -21.26 2.57
N GLN D 31 9.63 -22.23 2.30
CA GLN D 31 9.17 -23.58 2.01
C GLN D 31 8.42 -24.17 3.20
N SER D 32 8.93 -23.93 4.41
CA SER D 32 8.30 -24.44 5.63
C SER D 32 6.92 -23.87 5.83
N THR D 33 6.79 -22.58 5.60
CA THR D 33 5.52 -21.88 5.74
C THR D 33 4.48 -22.45 4.79
N ILE D 34 4.89 -22.73 3.56
CA ILE D 34 3.94 -23.27 2.61
C ILE D 34 3.55 -24.71 2.96
N LYS D 35 4.55 -25.55 3.21
CA LYS D 35 4.26 -26.94 3.40
C LYS D 35 3.52 -27.18 4.71
N SER D 36 3.76 -26.34 5.71
CA SER D 36 3.18 -26.54 7.05
C SER D 36 1.85 -25.85 7.27
N ALA D 37 1.34 -25.19 6.23
CA ALA D 37 0.03 -24.52 6.29
C ALA D 37 -1.06 -25.48 6.77
N LYS D 38 -1.96 -24.98 7.62
CA LYS D 38 -3.09 -25.77 8.12
C LYS D 38 -4.33 -25.44 7.31
N ASN D 39 -4.39 -24.20 6.81
CA ASN D 39 -5.56 -23.72 6.06
C ASN D 39 -5.10 -22.82 4.95
N VAL D 40 -5.46 -23.18 3.73
CA VAL D 40 -5.13 -22.40 2.55
C VAL D 40 -6.44 -21.87 1.98
N THR D 41 -6.49 -20.57 1.69
CA THR D 41 -7.62 -19.99 0.97
C THR D 41 -7.16 -19.61 -0.42
N VAL D 42 -7.93 -20.00 -1.42
CA VAL D 42 -7.69 -19.62 -2.80
C VAL D 42 -8.69 -18.53 -3.06
N ALA D 43 -8.23 -17.35 -3.47
CA ALA D 43 -9.10 -16.18 -3.52
C ALA D 43 -9.96 -16.21 -4.77
N THR D 44 -10.82 -17.22 -4.86
CA THR D 44 -11.72 -17.36 -6.00
C THR D 44 -12.97 -18.14 -5.56
N SER D 45 -14.07 -17.94 -6.28
CA SER D 45 -15.22 -18.81 -6.11
C SER D 45 -15.43 -19.57 -7.42
N ASN D 46 -14.44 -19.46 -8.32
CA ASN D 46 -14.52 -20.17 -9.60
C ASN D 46 -14.04 -21.60 -9.41
N GLU D 47 -14.94 -22.56 -9.58
CA GLU D 47 -14.62 -23.95 -9.21
C GLU D 47 -13.56 -24.60 -10.10
N LYS D 48 -13.56 -24.28 -11.39
CA LYS D 48 -12.56 -24.82 -12.30
C LYS D 48 -11.15 -24.25 -11.95
N LYS D 49 -11.09 -22.95 -11.71
CA LYS D 49 -9.84 -22.36 -11.24
C LYS D 49 -9.43 -22.93 -9.86
N PHE D 50 -10.40 -23.13 -8.99
CA PHE D 50 -10.13 -23.68 -7.67
C PHE D 50 -9.54 -25.09 -7.76
N LYS D 51 -10.08 -25.91 -8.65
CA LYS D 51 -9.59 -27.29 -8.84
C LYS D 51 -8.14 -27.29 -9.32
N VAL D 52 -7.83 -26.44 -10.29
CA VAL D 52 -6.46 -26.35 -10.80
C VAL D 52 -5.50 -26.03 -9.66
N VAL D 53 -5.86 -25.05 -8.85
CA VAL D 53 -4.98 -24.67 -7.73
C VAL D 53 -4.96 -25.79 -6.65
N SER D 54 -6.14 -26.34 -6.33
CA SER D 54 -6.22 -27.38 -5.28
C SER D 54 -5.42 -28.61 -5.63
N ASP D 55 -5.49 -29.02 -6.89
CA ASP D 55 -4.84 -30.24 -7.31
C ASP D 55 -3.34 -30.12 -7.13
N ILE D 56 -2.80 -28.91 -7.28
CA ILE D 56 -1.38 -28.70 -7.08
C ILE D 56 -1.03 -28.58 -5.59
N ILE D 57 -1.75 -27.72 -4.88
CA ILE D 57 -1.43 -27.43 -3.49
C ILE D 57 -1.58 -28.68 -2.60
N SER D 58 -2.55 -29.53 -2.93
CA SER D 58 -2.80 -30.70 -2.08
C SER D 58 -1.65 -31.70 -2.10
N ARG D 59 -0.79 -31.58 -3.11
CA ARG D 59 0.37 -32.47 -3.25
C ARG D 59 1.56 -31.97 -2.42
N ILE D 60 1.51 -30.74 -1.92
CA ILE D 60 2.68 -30.24 -1.18
C ILE D 60 2.39 -29.90 0.29
N THR D 61 1.10 -29.91 0.66
CA THR D 61 0.69 -29.69 2.06
C THR D 61 -0.52 -30.56 2.41
N ASP D 62 -0.73 -30.82 3.71
CA ASP D 62 -1.96 -31.49 4.12
C ASP D 62 -3.05 -30.52 4.58
N ALA D 63 -2.89 -29.25 4.23
CA ALA D 63 -3.79 -28.20 4.70
C ALA D 63 -5.19 -28.36 4.15
N ASN D 64 -6.17 -27.83 4.88
CA ASN D 64 -7.49 -27.66 4.30
C ASN D 64 -7.41 -26.61 3.24
N ILE D 65 -8.11 -26.85 2.13
CA ILE D 65 -8.10 -25.85 1.05
C ILE D 65 -9.52 -25.31 0.85
N SER D 66 -9.69 -23.99 0.85
CA SER D 66 -11.02 -23.39 0.80
C SER D 66 -11.09 -22.30 -0.24
N MET D 67 -12.26 -22.14 -0.84
CA MET D 67 -12.55 -21.00 -1.71
C MET D 67 -12.86 -19.75 -0.90
N LEU D 68 -12.69 -18.59 -1.52
CA LEU D 68 -13.16 -17.34 -0.94
C LEU D 68 -14.57 -17.03 -1.49
N GLU D 69 -15.58 -16.95 -0.64
CA GLU D 69 -16.92 -16.72 -1.14
C GLU D 69 -17.21 -15.23 -1.37
N ILE D 70 -16.50 -14.40 -0.61
CA ILE D 70 -16.59 -12.94 -0.76
C ILE D 70 -16.16 -12.54 -2.18
N PRO D 71 -17.06 -11.90 -2.95
CA PRO D 71 -16.59 -11.47 -4.27
C PRO D 71 -15.41 -10.48 -4.22
N THR D 72 -14.59 -10.53 -5.26
CA THR D 72 -13.34 -9.82 -5.23
C THR D 72 -13.22 -8.77 -6.33
N ASN D 73 -14.27 -8.60 -7.14
CA ASN D 73 -14.14 -7.71 -8.29
C ASN D 73 -13.90 -6.28 -7.84
N SER D 74 -14.22 -5.96 -6.58
CA SER D 74 -13.96 -4.61 -6.06
C SER D 74 -12.46 -4.31 -6.11
N ALA D 75 -11.62 -5.35 -6.05
CA ALA D 75 -10.19 -5.07 -6.04
C ALA D 75 -9.70 -4.54 -7.37
N ASP D 76 -10.54 -4.63 -8.40
CA ASP D 76 -10.15 -4.15 -9.71
C ASP D 76 -10.17 -2.61 -9.80
N LEU D 77 -10.56 -1.94 -8.71
CA LEU D 77 -10.48 -0.48 -8.68
C LEU D 77 -9.37 -0.01 -7.77
N THR D 78 -8.37 -0.85 -7.61
CA THR D 78 -7.21 -0.54 -6.79
C THR D 78 -5.99 -0.64 -7.68
N ARG D 79 -4.88 -0.12 -7.20
CA ARG D 79 -3.65 -0.07 -7.97
C ARG D 79 -3.04 -1.45 -8.21
N MET D 80 -3.27 -2.36 -7.29
CA MET D 80 -2.72 -3.69 -7.42
C MET D 80 -3.79 -4.74 -7.11
N PRO D 81 -4.64 -5.05 -8.09
CA PRO D 81 -5.82 -5.88 -7.80
C PRO D 81 -5.49 -7.24 -7.20
N ALA D 82 -4.52 -7.97 -7.76
CA ALA D 82 -4.21 -9.29 -7.19
C ALA D 82 -3.87 -9.21 -5.70
N LEU D 83 -3.06 -8.24 -5.35
CA LEU D 83 -2.63 -8.08 -3.98
C LEU D 83 -3.82 -7.80 -3.07
N ASN D 84 -4.67 -6.85 -3.49
CA ASN D 84 -5.79 -6.48 -2.65
C ASN D 84 -6.86 -7.57 -2.59
N LYS D 85 -6.99 -8.39 -3.64
CA LYS D 85 -7.85 -9.57 -3.53
C LYS D 85 -7.32 -10.51 -2.46
N GLY D 86 -6.00 -10.68 -2.45
CA GLY D 86 -5.37 -11.53 -1.46
C GLY D 86 -5.63 -10.99 -0.07
N LEU D 87 -5.57 -9.68 0.09
CA LEU D 87 -5.78 -9.10 1.43
C LEU D 87 -7.22 -9.24 1.93
N ILE D 88 -8.19 -9.34 1.01
CA ILE D 88 -9.56 -9.64 1.45
C ILE D 88 -9.58 -10.98 2.19
N ALA D 89 -8.85 -11.94 1.65
CA ALA D 89 -8.78 -13.28 2.27
C ALA D 89 -8.00 -13.24 3.58
N VAL D 90 -6.86 -12.56 3.56
CA VAL D 90 -6.09 -12.37 4.79
C VAL D 90 -6.92 -11.78 5.94
N ASP D 91 -7.71 -10.76 5.62
CA ASP D 91 -8.35 -9.99 6.69
C ASP D 91 -9.67 -10.57 7.13
N SER D 92 -10.26 -11.46 6.33
CA SER D 92 -11.60 -11.96 6.64
C SER D 92 -11.59 -13.42 7.02
N SER D 93 -10.42 -14.05 7.01
CA SER D 93 -10.33 -15.47 7.36
C SER D 93 -9.09 -15.78 8.21
N ASP D 94 -8.97 -17.04 8.67
CA ASP D 94 -7.78 -17.44 9.41
C ASP D 94 -6.87 -18.36 8.58
N ALA D 95 -6.84 -18.12 7.28
CA ALA D 95 -5.94 -18.88 6.43
C ALA D 95 -4.50 -18.65 6.84
N ASP D 96 -3.68 -19.70 6.76
CA ASP D 96 -2.24 -19.62 6.94
C ASP D 96 -1.57 -19.20 5.67
N LEU D 97 -2.25 -19.45 4.55
CA LEU D 97 -1.67 -19.28 3.23
C LEU D 97 -2.76 -18.81 2.30
N ILE D 98 -2.48 -17.77 1.51
CA ILE D 98 -3.48 -17.25 0.58
C ILE D 98 -2.87 -17.33 -0.81
N ILE D 99 -3.62 -17.92 -1.74
CA ILE D 99 -3.24 -17.92 -3.16
C ILE D 99 -4.23 -17.03 -3.91
N THR D 100 -3.70 -15.99 -4.55
CA THR D 100 -4.53 -15.00 -5.21
C THR D 100 -4.03 -14.75 -6.61
N ARG D 101 -4.94 -14.42 -7.53
CA ARG D 101 -4.52 -14.13 -8.89
C ARG D 101 -5.44 -13.02 -9.39
N GLY D 102 -4.89 -12.04 -10.09
CA GLY D 102 -5.71 -10.95 -10.60
C GLY D 102 -4.79 -10.02 -11.35
N ARG D 103 -5.28 -8.84 -11.69
CA ARG D 103 -4.45 -7.91 -12.44
C ARG D 103 -3.21 -7.48 -11.65
N LEU D 104 -2.11 -7.33 -12.39
CA LEU D 104 -0.85 -6.85 -11.84
C LEU D 104 -0.98 -5.37 -11.42
N GLY D 105 -1.43 -4.55 -12.35
CA GLY D 105 -1.50 -3.11 -12.12
C GLY D 105 -2.71 -2.56 -12.84
N ILE D 106 -2.49 -1.61 -13.74
CA ILE D 106 -3.62 -0.99 -14.45
C ILE D 106 -4.24 -1.92 -15.50
N PRO D 107 -5.43 -1.57 -15.98
CA PRO D 107 -6.00 -2.38 -17.09
C PRO D 107 -5.02 -2.52 -18.26
N GLY D 108 -4.80 -3.76 -18.70
CA GLY D 108 -3.88 -4.06 -19.77
C GLY D 108 -2.55 -4.61 -19.26
N SER D 109 -2.28 -4.52 -17.95
CA SER D 109 -0.98 -4.95 -17.41
C SER D 109 -0.88 -6.46 -17.19
N GLY D 110 -1.91 -7.20 -17.56
CA GLY D 110 -1.82 -8.64 -17.39
C GLY D 110 -2.02 -9.10 -15.96
N SER D 111 -1.65 -10.35 -15.71
CA SER D 111 -1.96 -10.98 -14.43
C SER D 111 -0.76 -11.26 -13.56
N LEU D 112 -1.04 -11.24 -12.25
CA LEU D 112 -0.08 -11.56 -11.21
C LEU D 112 -0.72 -12.60 -10.29
N LEU D 113 0.00 -13.69 -10.03
CA LEU D 113 -0.39 -14.64 -9.00
C LEU D 113 0.53 -14.42 -7.82
N LEU D 114 -0.01 -14.39 -6.59
CA LEU D 114 0.80 -14.26 -5.37
C LEU D 114 0.46 -15.37 -4.43
N ILE D 115 1.46 -15.84 -3.69
CA ILE D 115 1.24 -16.66 -2.50
C ILE D 115 1.60 -15.79 -1.30
N MET D 116 0.60 -15.53 -0.47
CA MET D 116 0.76 -14.66 0.68
C MET D 116 0.55 -15.47 1.95
N ASP D 117 1.15 -15.00 3.05
CA ASP D 117 0.94 -15.70 4.30
C ASP D 117 -0.12 -15.02 5.20
N LYS D 118 -0.24 -15.46 6.45
CA LYS D 118 -1.35 -15.05 7.31
C LYS D 118 -1.35 -13.57 7.65
N LYS D 119 -0.21 -12.91 7.46
CA LYS D 119 -0.16 -11.46 7.72
C LYS D 119 -0.26 -10.66 6.44
N GLY D 120 -0.35 -11.33 5.31
CA GLY D 120 -0.39 -10.63 4.05
C GLY D 120 1.00 -10.42 3.48
N ARG D 121 2.01 -11.06 4.07
CA ARG D 121 3.36 -10.96 3.48
C ARG D 121 3.46 -11.78 2.21
N ILE D 122 4.21 -11.28 1.23
CA ILE D 122 4.31 -11.97 -0.05
C ILE D 122 5.50 -12.92 -0.06
N LEU D 123 5.22 -14.21 -0.33
CA LEU D 123 6.24 -15.25 -0.26
C LEU D 123 6.84 -15.50 -1.63
N THR D 124 5.98 -15.46 -2.65
CA THR D 124 6.43 -15.74 -4.01
C THR D 124 5.30 -15.36 -4.96
N GLY D 125 5.56 -15.41 -6.26
CA GLY D 125 4.55 -14.97 -7.20
C GLY D 125 5.01 -15.22 -8.63
N SER D 126 4.14 -14.93 -9.59
CA SER D 126 4.52 -15.05 -10.99
C SER D 126 3.60 -14.16 -11.83
N VAL D 127 4.01 -13.85 -13.05
CA VAL D 127 3.19 -12.97 -13.87
C VAL D 127 2.91 -13.64 -15.18
N SER D 128 1.83 -13.23 -15.82
CA SER D 128 1.51 -13.75 -17.15
CA SER D 128 1.48 -13.76 -17.13
C SER D 128 0.90 -12.64 -18.00
N PRO D 129 1.03 -12.78 -19.33
CA PRO D 129 0.55 -11.68 -20.20
C PRO D 129 -0.95 -11.49 -20.23
N SER D 130 -1.39 -10.28 -20.60
CA SER D 130 -2.78 -10.09 -20.99
C SER D 130 -3.13 -11.11 -22.07
N SER D 131 -4.36 -11.61 -22.07
CA SER D 131 -4.82 -12.50 -23.15
C SER D 131 -4.86 -11.81 -24.52
N ILE D 132 -4.85 -10.47 -24.55
CA ILE D 132 -4.79 -9.73 -25.81
C ILE D 132 -3.45 -10.00 -26.50
N ILE D 133 -2.41 -10.22 -25.67
CA ILE D 133 -1.04 -10.44 -26.15
C ILE D 133 -0.78 -11.93 -26.44
N HIS D 134 -1.24 -12.78 -25.54
CA HIS D 134 -1.00 -14.21 -25.61
C HIS D 134 -2.27 -15.04 -25.41
N LYS D 135 -2.67 -15.78 -26.44
CA LYS D 135 -3.85 -16.63 -26.36
C LYS D 135 -3.50 -18.00 -25.75
N ASN D 136 -4.28 -18.38 -24.74
CA ASN D 136 -3.99 -19.57 -23.94
C ASN D 136 -5.21 -19.89 -23.07
N PRO D 137 -5.60 -21.17 -22.94
CA PRO D 137 -6.71 -21.53 -22.03
C PRO D 137 -6.43 -21.13 -20.59
N ILE D 138 -7.43 -20.57 -19.91
CA ILE D 138 -7.21 -19.97 -18.60
C ILE D 138 -6.65 -20.98 -17.59
N ASP D 139 -7.02 -22.25 -17.71
CA ASP D 139 -6.56 -23.21 -16.72
C ASP D 139 -5.09 -23.56 -16.90
N LYS D 140 -4.62 -23.54 -18.15
CA LYS D 140 -3.21 -23.83 -18.36
C LYS D 140 -2.42 -22.62 -17.89
N THR D 141 -3.01 -21.42 -18.04
CA THR D 141 -2.38 -20.20 -17.58
C THR D 141 -2.18 -20.18 -16.06
N VAL D 142 -3.25 -20.47 -15.32
CA VAL D 142 -3.15 -20.50 -13.85
C VAL D 142 -2.22 -21.60 -13.35
N GLU D 143 -2.31 -22.78 -13.95
CA GLU D 143 -1.40 -23.87 -13.61
C GLU D 143 0.04 -23.43 -13.80
N LEU D 144 0.34 -22.84 -14.95
CA LEU D 144 1.72 -22.40 -15.19
C LEU D 144 2.14 -21.33 -14.18
N GLU D 145 1.25 -20.38 -13.85
CA GLU D 145 1.56 -19.34 -12.89
C GLU D 145 1.90 -19.95 -11.54
N LEU D 146 1.10 -20.93 -11.13
CA LEU D 146 1.27 -21.47 -9.78
C LEU D 146 2.53 -22.34 -9.74
N ILE D 147 2.74 -23.15 -10.75
CA ILE D 147 3.93 -24.02 -10.77
C ILE D 147 5.20 -23.14 -10.78
N THR D 148 5.13 -22.06 -11.55
CA THR D 148 6.25 -21.13 -11.65
C THR D 148 6.53 -20.46 -10.29
N ALA D 149 5.48 -20.03 -9.62
CA ALA D 149 5.64 -19.36 -8.33
C ALA D 149 6.23 -20.31 -7.30
N LEU D 150 5.85 -21.60 -7.35
CA LEU D 150 6.41 -22.57 -6.42
C LEU D 150 7.85 -22.92 -6.76
N GLU D 151 8.13 -23.14 -8.04
CA GLU D 151 9.48 -23.56 -8.41
C GLU D 151 10.52 -22.50 -8.07
N ARG D 152 10.13 -21.23 -8.14
CA ARG D 152 11.14 -20.19 -7.94
C ARG D 152 11.48 -20.01 -6.46
N ILE D 153 10.76 -20.68 -5.55
CA ILE D 153 11.26 -20.75 -4.18
C ILE D 153 11.64 -22.18 -3.81
N GLY D 154 11.85 -23.03 -4.83
CA GLY D 154 12.46 -24.32 -4.61
C GLY D 154 11.50 -25.47 -4.37
N ILE D 155 10.22 -25.25 -4.64
CA ILE D 155 9.27 -26.37 -4.55
C ILE D 155 8.91 -26.87 -5.95
N VAL D 156 9.28 -28.11 -6.26
CA VAL D 156 8.98 -28.65 -7.59
C VAL D 156 7.77 -29.55 -7.50
N VAL D 157 6.79 -29.30 -8.36
CA VAL D 157 5.55 -30.07 -8.30
C VAL D 157 5.49 -31.07 -9.45
#